data_2QZC
#
_entry.id   2QZC
#
_cell.length_a   88.862
_cell.length_b   88.862
_cell.length_c   135.760
_cell.angle_alpha   90.000
_cell.angle_beta   90.000
_cell.angle_gamma   90.000
#
_symmetry.space_group_name_H-M   'P 43 21 2'
#
loop_
_entity.id
_entity.type
_entity.pdbx_description
1 polymer 'Transcriptional activator TenA-1'
2 non-polymer IMIDAZOLE
3 non-polymer GLYCEROL
4 water water
#
_entity_poly.entity_id   1
_entity_poly.type   'polypeptide(L)'
_entity_poly.pdbx_seq_one_letter_code
;G(MSE)SIVGNVENLINGVGELWNKYVKHEFILK(MSE)RDGSLPLDIFRYYLIQDGKYVED(MSE)LRALLIASSKGPI
DKVTKILNLVFSSRDKGLETHGKLYSKLDISRDVIVKTGYNLINYAYTRHLYYYANLDWNKFLVAWTPC(MSE)FGYSIV
GDYVIDSPNEVYKTWASFYASTEYKKRIEAILYALDEVSITEDLLNIFINSVRFEIGFWDASLRKDPTVY
;
_entity_poly.pdbx_strand_id   A,B
#
loop_
_chem_comp.id
_chem_comp.type
_chem_comp.name
_chem_comp.formula
GOL non-polymer GLYCEROL 'C3 H8 O3'
IMD non-polymer IMIDAZOLE 'C3 H5 N2 1'
#
# COMPACT_ATOMS: atom_id res chain seq x y z
N ILE A 4 2.02 -5.89 27.27
CA ILE A 4 2.06 -4.68 26.38
C ILE A 4 3.11 -3.71 26.97
N VAL A 5 4.05 -3.26 26.14
CA VAL A 5 5.15 -2.39 26.58
C VAL A 5 5.38 -1.23 25.60
N GLY A 6 6.21 -0.27 26.01
CA GLY A 6 6.61 0.82 25.16
C GLY A 6 5.47 1.76 24.79
N ASN A 7 5.54 2.28 23.57
CA ASN A 7 4.61 3.30 23.08
C ASN A 7 3.13 2.90 23.24
N VAL A 8 2.77 1.67 22.82
CA VAL A 8 1.34 1.29 22.90
C VAL A 8 0.84 1.27 24.35
N GLU A 9 1.69 0.81 25.29
CA GLU A 9 1.31 0.84 26.72
C GLU A 9 1.07 2.27 27.24
N ASN A 10 1.97 3.17 26.87
CA ASN A 10 1.87 4.56 27.30
C ASN A 10 0.65 5.25 26.70
N LEU A 11 0.36 4.94 25.43
CA LEU A 11 -0.81 5.51 24.76
C LEU A 11 -2.06 4.98 25.44
N ILE A 12 -2.15 3.67 25.66
CA ILE A 12 -3.30 3.08 26.35
C ILE A 12 -3.48 3.70 27.75
N ASN A 13 -2.40 3.79 28.53
CA ASN A 13 -2.52 4.36 29.88
CA ASN A 13 -2.46 4.39 29.88
C ASN A 13 -2.97 5.83 29.80
N GLY A 14 -2.52 6.55 28.77
CA GLY A 14 -2.91 7.92 28.57
C GLY A 14 -4.36 8.21 28.25
N VAL A 15 -5.11 7.21 27.80
CA VAL A 15 -6.55 7.42 27.56
C VAL A 15 -7.41 7.13 28.81
N GLY A 16 -6.79 6.66 29.89
CA GLY A 16 -7.54 6.40 31.13
C GLY A 16 -8.71 5.44 30.97
N GLU A 17 -9.85 5.84 31.52
CA GLU A 17 -11.04 4.99 31.51
C GLU A 17 -11.63 4.72 30.11
N LEU A 18 -11.21 5.48 29.10
CA LEU A 18 -11.75 5.24 27.76
C LEU A 18 -11.36 3.90 27.19
N TRP A 19 -10.19 3.37 27.56
CA TRP A 19 -9.74 2.11 27.00
C TRP A 19 -10.71 0.98 27.26
N ASN A 20 -11.11 0.81 28.51
CA ASN A 20 -12.08 -0.26 28.82
C ASN A 20 -13.46 0.04 28.28
N LYS A 21 -13.83 1.32 28.14
CA LYS A 21 -15.12 1.67 27.50
C LYS A 21 -15.16 1.16 26.05
N TYR A 22 -13.98 1.08 25.43
CA TYR A 22 -13.80 0.55 24.07
C TYR A 22 -13.73 -0.98 24.06
N VAL A 23 -12.73 -1.56 24.70
CA VAL A 23 -12.48 -2.99 24.58
C VAL A 23 -13.40 -3.87 25.42
N LYS A 24 -14.10 -3.28 26.36
CA LYS A 24 -15.12 -3.98 27.18
C LYS A 24 -16.50 -3.36 26.96
N HIS A 25 -16.72 -2.78 25.77
CA HIS A 25 -18.00 -2.16 25.43
C HIS A 25 -19.15 -3.18 25.50
N GLU A 26 -20.35 -2.69 25.85
CA GLU A 26 -21.59 -3.49 25.85
CA GLU A 26 -21.57 -3.51 25.87
C GLU A 26 -21.70 -4.37 24.61
N PHE A 27 -21.42 -3.80 23.43
CA PHE A 27 -21.50 -4.54 22.17
C PHE A 27 -20.64 -5.80 22.24
N ILE A 28 -19.41 -5.65 22.72
CA ILE A 28 -18.46 -6.76 22.87
C ILE A 28 -18.90 -7.78 23.93
N LEU A 29 -19.41 -7.28 25.07
CA LEU A 29 -19.92 -8.17 26.12
C LEU A 29 -21.06 -9.01 25.60
N LYS A 30 -21.92 -8.43 24.75
CA LYS A 30 -23.05 -9.15 24.15
C LYS A 30 -22.59 -10.13 23.07
N MSE A 31 -21.47 -9.84 22.39
CA MSE A 31 -20.88 -10.85 21.49
C MSE A 31 -20.36 -12.05 22.29
O MSE A 31 -20.56 -13.20 21.91
CB MSE A 31 -19.75 -10.29 20.58
CG MSE A 31 -20.28 -9.48 19.46
SE MSE A 31 -18.92 -9.22 18.09
CE MSE A 31 -17.78 -8.15 19.04
N ARG A 32 -19.68 -11.77 23.39
CA ARG A 32 -19.06 -12.80 24.24
C ARG A 32 -20.13 -13.71 24.85
N ASP A 33 -21.25 -13.17 25.31
CA ASP A 33 -22.32 -14.05 25.88
C ASP A 33 -23.28 -14.55 24.82
N GLY A 34 -23.09 -14.13 23.58
CA GLY A 34 -23.90 -14.54 22.45
C GLY A 34 -25.23 -13.87 22.31
N SER A 35 -25.59 -12.96 23.21
CA SER A 35 -26.91 -12.34 23.24
C SER A 35 -27.10 -11.18 22.25
N LEU A 36 -26.03 -10.68 21.61
CA LEU A 36 -26.18 -9.60 20.64
C LEU A 36 -27.08 -10.05 19.51
N PRO A 37 -28.17 -9.30 19.25
CA PRO A 37 -29.01 -9.70 18.14
C PRO A 37 -28.28 -9.69 16.79
N LEU A 38 -28.50 -10.70 15.98
CA LEU A 38 -27.85 -10.77 14.67
C LEU A 38 -28.17 -9.58 13.75
N ASP A 39 -29.34 -8.96 13.85
CA ASP A 39 -29.66 -7.76 13.03
CA ASP A 39 -29.65 -7.79 13.04
C ASP A 39 -28.71 -6.60 13.36
N ILE A 40 -28.32 -6.48 14.64
CA ILE A 40 -27.39 -5.44 15.09
CA ILE A 40 -27.39 -5.44 15.09
CA ILE A 40 -27.38 -5.43 15.05
C ILE A 40 -26.01 -5.78 14.54
N PHE A 41 -25.61 -7.05 14.64
CA PHE A 41 -24.30 -7.43 14.11
C PHE A 41 -24.22 -7.22 12.60
N ARG A 42 -25.33 -7.46 11.88
CA ARG A 42 -25.37 -7.25 10.44
C ARG A 42 -25.17 -5.77 10.12
N TYR A 43 -25.85 -4.90 10.85
CA TYR A 43 -25.73 -3.44 10.69
C TYR A 43 -24.25 -3.07 10.87
N TYR A 44 -23.65 -3.58 11.95
CA TYR A 44 -22.22 -3.34 12.27
C TYR A 44 -21.31 -3.77 11.11
N LEU A 45 -21.52 -5.00 10.63
CA LEU A 45 -20.67 -5.55 9.57
C LEU A 45 -20.71 -4.72 8.31
N ILE A 46 -21.88 -4.18 7.98
CA ILE A 46 -22.01 -3.33 6.81
C ILE A 46 -21.21 -2.04 7.02
N GLN A 47 -21.36 -1.41 8.19
CA GLN A 47 -20.55 -0.21 8.47
C GLN A 47 -19.06 -0.53 8.48
N ASP A 48 -18.68 -1.67 9.06
CA ASP A 48 -17.28 -2.07 9.07
C ASP A 48 -16.75 -2.29 7.66
N GLY A 49 -17.58 -2.83 6.77
CA GLY A 49 -17.19 -3.03 5.35
C GLY A 49 -16.84 -1.72 4.66
N LYS A 50 -17.56 -0.66 5.00
CA LYS A 50 -17.29 0.67 4.46
C LYS A 50 -16.02 1.22 5.10
N TYR A 51 -15.94 1.14 6.43
CA TYR A 51 -14.79 1.62 7.15
C TYR A 51 -13.46 1.03 6.68
N VAL A 52 -13.42 -0.29 6.55
CA VAL A 52 -12.15 -0.99 6.21
CA VAL A 52 -12.16 -0.98 6.24
C VAL A 52 -11.61 -0.56 4.88
N GLU A 53 -12.46 -0.31 3.90
CA GLU A 53 -11.96 0.16 2.60
C GLU A 53 -11.32 1.55 2.75
N ASP A 54 -12.00 2.46 3.46
CA ASP A 54 -11.40 3.80 3.69
C ASP A 54 -10.11 3.71 4.52
N MSE A 55 -10.10 2.84 5.52
CA MSE A 55 -8.88 2.61 6.35
C MSE A 55 -7.70 2.16 5.48
O MSE A 55 -6.58 2.64 5.66
CB MSE A 55 -9.20 1.54 7.41
CG MSE A 55 -8.15 1.30 8.40
SE MSE A 55 -8.34 -0.50 9.22
CE MSE A 55 -7.65 -1.55 7.76
N LEU A 56 -7.97 1.26 4.55
CA LEU A 56 -6.91 0.78 3.65
CA LEU A 56 -6.92 0.77 3.65
C LEU A 56 -6.44 1.90 2.74
N ARG A 57 -7.39 2.70 2.20
CA ARG A 57 -6.97 3.83 1.37
C ARG A 57 -6.10 4.82 2.13
N ALA A 58 -6.50 5.11 3.36
CA ALA A 58 -5.72 6.01 4.24
C ALA A 58 -4.34 5.42 4.55
N LEU A 59 -4.28 4.13 4.82
CA LEU A 59 -2.97 3.44 5.03
C LEU A 59 -2.06 3.61 3.81
N LEU A 60 -2.65 3.45 2.62
CA LEU A 60 -1.83 3.59 1.39
C LEU A 60 -1.22 5.00 1.26
N ILE A 61 -2.03 6.05 1.47
CA ILE A 61 -1.56 7.45 1.43
C ILE A 61 -0.48 7.64 2.48
N ALA A 62 -0.75 7.21 3.70
CA ALA A 62 0.17 7.45 4.82
C ALA A 62 1.49 6.71 4.64
N SER A 63 1.39 5.47 4.18
CA SER A 63 2.58 4.63 4.07
CA SER A 63 2.56 4.59 3.97
C SER A 63 3.59 5.20 3.07
N SER A 64 3.13 5.98 2.10
CA SER A 64 4.03 6.66 1.15
C SER A 64 5.02 7.59 1.84
N LYS A 65 4.72 7.97 3.11
CA LYS A 65 5.51 8.92 3.89
CA LYS A 65 5.50 8.92 3.89
C LYS A 65 6.31 8.27 5.00
N GLY A 66 6.24 6.95 5.18
CA GLY A 66 6.90 6.26 6.29
C GLY A 66 8.27 5.67 5.99
N PRO A 67 8.96 5.16 7.02
CA PRO A 67 10.27 4.51 6.80
C PRO A 67 10.09 3.29 5.92
N ILE A 68 10.91 3.15 4.88
CA ILE A 68 10.66 2.13 3.88
C ILE A 68 10.59 0.71 4.41
N ASP A 69 11.48 0.37 5.35
CA ASP A 69 11.51 -0.98 5.92
C ASP A 69 10.24 -1.28 6.73
N LYS A 70 9.82 -0.30 7.54
CA LYS A 70 8.65 -0.47 8.42
C LYS A 70 7.38 -0.57 7.59
N VAL A 71 7.23 0.31 6.62
CA VAL A 71 5.99 0.29 5.81
C VAL A 71 5.89 -0.96 4.92
N THR A 72 7.00 -1.40 4.30
CA THR A 72 7.00 -2.60 3.45
CA THR A 72 6.96 -2.59 3.44
C THR A 72 6.60 -3.85 4.24
N LYS A 73 7.10 -3.97 5.48
CA LYS A 73 6.76 -5.11 6.37
CA LYS A 73 6.76 -5.13 6.34
C LYS A 73 5.24 -5.14 6.62
N ILE A 74 4.67 -3.98 6.91
CA ILE A 74 3.22 -3.89 7.16
C ILE A 74 2.41 -4.20 5.89
N LEU A 75 2.78 -3.58 4.77
CA LEU A 75 2.07 -3.75 3.49
C LEU A 75 2.12 -5.19 2.98
N ASN A 76 3.25 -5.87 3.19
CA ASN A 76 3.36 -7.28 2.83
CA ASN A 76 3.37 -7.30 2.83
C ASN A 76 2.29 -8.12 3.52
N LEU A 77 2.06 -7.83 4.81
CA LEU A 77 1.05 -8.54 5.60
C LEU A 77 -0.39 -8.15 5.28
N VAL A 78 -0.62 -6.86 5.06
CA VAL A 78 -1.96 -6.36 4.75
C VAL A 78 -2.44 -6.82 3.38
N PHE A 79 -1.57 -6.76 2.38
CA PHE A 79 -1.87 -7.18 0.99
C PHE A 79 -1.44 -8.62 0.65
N SER A 80 -1.38 -9.50 1.64
CA SER A 80 -1.10 -10.93 1.44
C SER A 80 -2.37 -11.68 1.04
N SER A 81 -2.19 -12.93 0.59
CA SER A 81 -3.29 -13.83 0.20
C SER A 81 -2.97 -15.29 0.56
N LYS A 84 -6.78 -15.15 6.08
CA LYS A 84 -8.06 -15.58 6.68
C LYS A 84 -9.14 -14.47 6.76
N GLY A 85 -8.76 -13.20 6.66
CA GLY A 85 -9.68 -12.06 6.79
C GLY A 85 -10.81 -12.01 5.77
N LEU A 86 -10.44 -12.11 4.49
CA LEU A 86 -11.40 -12.13 3.38
C LEU A 86 -12.29 -13.36 3.45
N GLU A 87 -11.67 -14.53 3.71
CA GLU A 87 -12.40 -15.82 3.84
C GLU A 87 -13.40 -15.82 5.00
N THR A 88 -12.94 -15.36 6.18
CA THR A 88 -13.79 -15.25 7.39
C THR A 88 -14.96 -14.29 7.14
N HIS A 89 -14.66 -13.10 6.62
CA HIS A 89 -15.71 -12.12 6.33
C HIS A 89 -16.64 -12.60 5.23
N GLY A 90 -16.13 -13.34 4.24
CA GLY A 90 -16.97 -13.92 3.18
C GLY A 90 -18.03 -14.86 3.72
N LYS A 91 -17.63 -15.72 4.65
CA LYS A 91 -18.53 -16.65 5.33
C LYS A 91 -19.59 -15.90 6.11
N LEU A 92 -19.17 -14.88 6.87
CA LEU A 92 -20.12 -14.07 7.61
C LEU A 92 -21.06 -13.33 6.68
N TYR A 93 -20.52 -12.72 5.63
CA TYR A 93 -21.34 -11.96 4.68
C TYR A 93 -22.43 -12.83 4.05
N SER A 94 -22.09 -14.09 3.73
CA SER A 94 -23.08 -15.05 3.22
C SER A 94 -24.12 -15.43 4.27
N LYS A 95 -23.69 -15.78 5.47
CA LYS A 95 -24.62 -16.12 6.55
C LYS A 95 -25.57 -14.98 6.90
N LEU A 96 -25.09 -13.74 6.81
CA LEU A 96 -25.88 -12.57 7.19
C LEU A 96 -26.47 -11.82 6.01
N ASP A 97 -26.34 -12.37 4.80
CA ASP A 97 -26.95 -11.81 3.57
C ASP A 97 -26.44 -10.39 3.23
N ILE A 98 -25.13 -10.22 3.23
CA ILE A 98 -24.47 -8.96 2.91
C ILE A 98 -23.68 -9.17 1.62
N SER A 99 -23.99 -8.37 0.61
CA SER A 99 -23.28 -8.39 -0.66
C SER A 99 -22.41 -7.15 -0.76
N ARG A 100 -21.54 -7.14 -1.77
CA ARG A 100 -20.73 -5.98 -2.08
C ARG A 100 -21.65 -4.76 -2.37
N ASP A 101 -22.73 -5.03 -3.09
CA ASP A 101 -23.72 -4.01 -3.40
C ASP A 101 -24.34 -3.41 -2.14
N VAL A 102 -24.66 -4.23 -1.14
CA VAL A 102 -25.20 -3.72 0.12
C VAL A 102 -24.22 -2.77 0.81
N ILE A 103 -22.95 -3.16 0.83
CA ILE A 103 -21.91 -2.32 1.47
C ILE A 103 -21.78 -0.99 0.76
N VAL A 104 -21.70 -1.02 -0.58
CA VAL A 104 -21.55 0.19 -1.37
C VAL A 104 -22.73 1.12 -1.31
N LYS A 105 -23.94 0.55 -1.38
CA LYS A 105 -25.17 1.33 -1.44
C LYS A 105 -25.66 1.85 -0.09
N THR A 106 -25.27 1.19 1.01
CA THR A 106 -25.64 1.66 2.35
C THR A 106 -24.77 2.89 2.65
N GLY A 107 -25.37 3.91 3.23
CA GLY A 107 -24.60 5.10 3.59
C GLY A 107 -23.81 4.87 4.87
N TYR A 108 -22.97 5.83 5.19
CA TYR A 108 -22.27 5.82 6.45
C TYR A 108 -23.18 6.37 7.56
N ASN A 109 -23.08 5.84 8.76
CA ASN A 109 -23.63 6.59 9.90
C ASN A 109 -22.64 7.75 10.23
N LEU A 110 -23.08 8.70 11.05
CA LEU A 110 -22.27 9.88 11.31
C LEU A 110 -20.94 9.53 11.93
N ILE A 111 -20.92 8.61 12.89
CA ILE A 111 -19.66 8.27 13.55
C ILE A 111 -18.67 7.62 12.57
N ASN A 112 -19.15 6.71 11.73
CA ASN A 112 -18.26 6.08 10.72
C ASN A 112 -17.73 7.11 9.73
N TYR A 113 -18.63 8.00 9.31
CA TYR A 113 -18.21 9.07 8.39
C TYR A 113 -17.09 9.89 8.99
N ALA A 114 -17.30 10.34 10.22
CA ALA A 114 -16.30 11.14 10.92
C ALA A 114 -14.99 10.39 11.13
N TYR A 115 -15.09 9.14 11.54
CA TYR A 115 -13.93 8.32 11.85
C TYR A 115 -13.07 8.10 10.60
N THR A 116 -13.75 7.74 9.52
CA THR A 116 -12.98 7.59 8.26
C THR A 116 -12.32 8.89 7.83
N ARG A 117 -13.05 10.03 7.92
CA ARG A 117 -12.44 11.31 7.55
CA ARG A 117 -12.45 11.32 7.56
C ARG A 117 -11.27 11.70 8.45
N HIS A 118 -11.34 11.29 9.71
CA HIS A 118 -10.24 11.48 10.71
C HIS A 118 -8.97 10.75 10.21
N LEU A 119 -9.11 9.48 9.80
CA LEU A 119 -7.96 8.70 9.29
C LEU A 119 -7.38 9.35 8.04
N TYR A 120 -8.26 9.77 7.10
CA TYR A 120 -7.74 10.42 5.91
C TYR A 120 -6.99 11.70 6.23
N TYR A 121 -7.50 12.50 7.16
CA TYR A 121 -6.89 13.77 7.51
C TYR A 121 -5.44 13.57 7.92
N TYR A 122 -5.19 12.65 8.82
CA TYR A 122 -3.82 12.41 9.29
C TYR A 122 -2.95 11.71 8.26
N ALA A 123 -3.56 10.83 7.46
CA ALA A 123 -2.80 10.17 6.36
C ALA A 123 -2.29 11.18 5.38
N ASN A 124 -3.08 12.20 5.07
CA ASN A 124 -2.65 13.26 4.15
C ASN A 124 -1.59 14.20 4.70
N LEU A 125 -1.35 14.14 6.01
CA LEU A 125 -0.33 14.95 6.66
C LEU A 125 0.98 14.27 6.98
N ASP A 126 0.93 13.11 7.61
CA ASP A 126 2.14 12.53 8.21
C ASP A 126 1.99 11.06 8.55
N TRP A 127 3.01 10.22 8.29
CA TRP A 127 2.96 8.83 8.66
C TRP A 127 2.78 8.62 10.17
N ASN A 128 3.58 9.32 10.98
CA ASN A 128 3.50 9.09 12.44
C ASN A 128 2.11 9.40 12.99
N LYS A 129 1.50 10.52 12.56
CA LYS A 129 0.15 10.88 13.02
C LYS A 129 -0.88 9.84 12.59
N PHE A 130 -0.81 9.40 11.34
CA PHE A 130 -1.71 8.35 10.88
C PHE A 130 -1.53 7.07 11.69
N LEU A 131 -0.27 6.64 11.88
CA LEU A 131 0.03 5.42 12.61
C LEU A 131 -0.56 5.43 14.02
N VAL A 132 -0.41 6.55 14.72
CA VAL A 132 -0.99 6.68 16.03
C VAL A 132 -2.53 6.64 15.92
N ALA A 133 -3.12 7.33 14.93
CA ALA A 133 -4.57 7.31 14.76
C ALA A 133 -5.14 5.95 14.44
N TRP A 134 -4.35 5.11 13.77
CA TRP A 134 -4.73 3.79 13.31
C TRP A 134 -4.56 2.70 14.36
N THR A 135 -3.72 2.93 15.37
CA THR A 135 -3.37 1.89 16.35
C THR A 135 -4.56 1.41 17.18
N PRO A 136 -5.47 2.32 17.65
CA PRO A 136 -6.60 1.77 18.44
C PRO A 136 -7.45 0.72 17.73
N CYS A 137 -7.78 0.94 16.47
CA CYS A 137 -8.53 -0.02 15.69
CA CYS A 137 -8.58 -0.05 15.74
C CYS A 137 -7.80 -1.36 15.58
N MSE A 138 -6.52 -1.28 15.24
CA MSE A 138 -5.78 -2.52 14.97
C MSE A 138 -5.45 -3.28 16.22
O MSE A 138 -5.78 -4.47 16.36
CB MSE A 138 -4.51 -2.18 14.18
CG MSE A 138 -4.78 -1.55 12.82
SE MSE A 138 -5.85 -2.61 11.55
CE MSE A 138 -4.71 -4.11 11.40
N PHE A 139 -4.88 -2.60 17.18
CA PHE A 139 -4.46 -3.23 18.44
C PHE A 139 -5.67 -3.62 19.26
N GLY A 140 -6.67 -2.75 19.34
CA GLY A 140 -7.84 -3.02 20.13
C GLY A 140 -8.58 -4.23 19.60
N TYR A 141 -8.69 -4.38 18.28
CA TYR A 141 -9.37 -5.56 17.75
C TYR A 141 -8.61 -6.87 18.06
N SER A 142 -7.30 -6.80 18.19
CA SER A 142 -6.52 -7.98 18.61
C SER A 142 -6.97 -8.44 20.00
N ILE A 143 -7.14 -7.49 20.92
CA ILE A 143 -7.57 -7.72 22.31
CA ILE A 143 -7.56 -7.75 22.30
C ILE A 143 -9.00 -8.26 22.34
N VAL A 144 -9.86 -7.62 21.57
CA VAL A 144 -11.26 -8.00 21.53
C VAL A 144 -11.44 -9.39 20.94
N GLY A 145 -10.71 -9.70 19.89
CA GLY A 145 -10.77 -11.02 19.28
C GLY A 145 -10.36 -12.10 20.27
N ASP A 146 -9.30 -11.86 21.06
CA ASP A 146 -8.87 -12.85 22.09
C ASP A 146 -9.96 -13.12 23.12
N TYR A 147 -10.79 -12.12 23.40
CA TYR A 147 -11.88 -12.24 24.35
C TYR A 147 -13.11 -12.95 23.77
N VAL A 148 -13.55 -12.47 22.62
CA VAL A 148 -14.76 -12.95 21.99
C VAL A 148 -14.67 -14.36 21.40
N ILE A 149 -13.44 -14.86 21.15
CA ILE A 149 -13.26 -16.23 20.61
C ILE A 149 -13.88 -17.30 21.51
N ASP A 150 -14.03 -17.00 22.81
CA ASP A 150 -14.66 -17.95 23.75
C ASP A 150 -16.19 -17.89 23.74
N SER A 151 -16.79 -17.04 22.93
CA SER A 151 -18.25 -17.00 22.79
C SER A 151 -18.84 -18.37 22.45
N PRO A 152 -20.04 -18.67 23.00
CA PRO A 152 -20.72 -19.87 22.56
C PRO A 152 -21.43 -19.71 21.20
N ASN A 153 -21.46 -18.48 20.66
CA ASN A 153 -22.16 -18.16 19.42
C ASN A 153 -21.26 -18.41 18.23
N GLU A 154 -21.73 -19.18 17.25
CA GLU A 154 -20.91 -19.54 16.12
C GLU A 154 -20.50 -18.33 15.24
N VAL A 155 -21.44 -17.41 15.02
CA VAL A 155 -21.14 -16.20 14.22
C VAL A 155 -20.07 -15.36 14.91
N TYR A 156 -20.22 -15.11 16.22
CA TYR A 156 -19.24 -14.31 16.96
C TYR A 156 -17.90 -14.95 17.13
N LYS A 157 -17.88 -16.27 17.34
CA LYS A 157 -16.64 -17.00 17.39
C LYS A 157 -15.92 -16.93 16.03
N THR A 158 -16.68 -17.07 14.95
CA THR A 158 -16.12 -16.98 13.58
C THR A 158 -15.51 -15.60 13.33
N TRP A 159 -16.24 -14.55 13.68
CA TRP A 159 -15.72 -13.19 13.53
C TRP A 159 -14.44 -13.03 14.31
N ALA A 160 -14.45 -13.45 15.58
CA ALA A 160 -13.30 -13.31 16.47
C ALA A 160 -12.09 -14.10 16.02
N SER A 161 -12.31 -15.24 15.35
CA SER A 161 -11.19 -16.12 14.96
C SER A 161 -10.22 -15.43 14.04
N PHE A 162 -10.70 -14.48 13.20
CA PHE A 162 -9.76 -13.73 12.38
C PHE A 162 -8.80 -12.86 13.24
N TYR A 163 -9.37 -12.12 14.17
CA TYR A 163 -8.59 -11.23 15.02
C TYR A 163 -7.74 -11.94 16.06
N ALA A 164 -8.13 -13.17 16.43
CA ALA A 164 -7.38 -14.02 17.35
C ALA A 164 -6.28 -14.83 16.63
N SER A 165 -6.23 -14.80 15.30
CA SER A 165 -5.32 -15.65 14.50
C SER A 165 -3.88 -15.20 14.55
N THR A 166 -2.97 -16.14 14.29
CA THR A 166 -1.55 -15.81 14.28
CA THR A 166 -1.54 -15.87 14.21
C THR A 166 -1.23 -14.83 13.14
N GLU A 167 -1.92 -14.92 12.00
CA GLU A 167 -1.68 -13.97 10.91
C GLU A 167 -2.07 -12.54 11.29
N TYR A 168 -3.14 -12.39 12.07
CA TYR A 168 -3.48 -11.04 12.55
C TYR A 168 -2.45 -10.58 13.57
N LYS A 169 -2.02 -11.46 14.48
CA LYS A 169 -1.01 -11.06 15.46
C LYS A 169 0.30 -10.60 14.81
N LYS A 170 0.66 -11.25 13.68
CA LYS A 170 1.87 -10.85 12.91
C LYS A 170 1.71 -9.44 12.34
N ARG A 171 0.49 -9.13 11.88
CA ARG A 171 0.20 -7.77 11.41
C ARG A 171 0.41 -6.77 12.54
N ILE A 172 -0.13 -7.08 13.72
CA ILE A 172 0.01 -6.19 14.89
C ILE A 172 1.48 -6.01 15.25
N GLU A 173 2.24 -7.11 15.24
CA GLU A 173 3.67 -6.99 15.52
C GLU A 173 4.38 -6.02 14.57
N ALA A 174 4.06 -6.08 13.28
CA ALA A 174 4.66 -5.19 12.29
C ALA A 174 4.27 -3.71 12.56
N ILE A 175 3.00 -3.50 12.94
CA ILE A 175 2.52 -2.15 13.27
C ILE A 175 3.23 -1.61 14.50
N LEU A 176 3.40 -2.44 15.52
CA LEU A 176 4.08 -2.04 16.75
C LEU A 176 5.56 -1.76 16.52
N TYR A 177 6.23 -2.53 15.63
CA TYR A 177 7.62 -2.28 15.24
CA TYR A 177 7.64 -2.24 15.27
C TYR A 177 7.75 -0.85 14.64
N ALA A 178 6.79 -0.48 13.79
CA ALA A 178 6.76 0.87 13.21
C ALA A 178 6.44 1.93 14.28
N LEU A 179 5.46 1.63 15.15
CA LEU A 179 5.09 2.55 16.23
C LEU A 179 6.25 2.84 17.18
N ASP A 180 7.10 1.84 17.42
CA ASP A 180 8.27 2.04 18.33
C ASP A 180 9.25 3.13 17.86
N GLU A 181 9.21 3.49 16.56
CA GLU A 181 10.05 4.57 15.98
CA GLU A 181 10.04 4.56 16.00
C GLU A 181 9.51 5.97 16.25
N VAL A 182 8.28 6.08 16.74
CA VAL A 182 7.66 7.36 16.97
C VAL A 182 7.99 7.91 18.36
N SER A 183 8.36 9.20 18.40
CA SER A 183 8.58 9.91 19.65
C SER A 183 7.20 10.45 20.05
N ILE A 184 6.57 9.84 21.06
CA ILE A 184 5.19 10.21 21.40
C ILE A 184 5.12 11.53 22.17
N THR A 185 4.21 12.39 21.73
CA THR A 185 3.95 13.68 22.28
C THR A 185 2.50 13.75 22.76
N GLU A 186 2.15 14.80 23.51
CA GLU A 186 0.76 14.96 23.96
CA GLU A 186 0.79 15.05 23.97
CA GLU A 186 0.77 15.01 23.95
C GLU A 186 -0.14 15.15 22.75
N ASP A 187 0.34 15.80 21.68
CA ASP A 187 -0.49 15.98 20.48
C ASP A 187 -0.78 14.62 19.87
N LEU A 188 0.18 13.72 19.84
CA LEU A 188 -0.06 12.38 19.31
C LEU A 188 -0.98 11.58 20.20
N LEU A 189 -0.81 11.70 21.52
CA LEU A 189 -1.73 11.05 22.43
C LEU A 189 -3.18 11.53 22.19
N ASN A 190 -3.35 12.82 21.93
CA ASN A 190 -4.68 13.37 21.68
C ASN A 190 -5.33 12.81 20.42
N ILE A 191 -4.52 12.49 19.42
CA ILE A 191 -5.02 11.82 18.19
C ILE A 191 -5.51 10.41 18.55
N PHE A 192 -4.69 9.66 19.31
CA PHE A 192 -5.00 8.32 19.76
C PHE A 192 -6.31 8.35 20.57
N ILE A 193 -6.43 9.31 21.48
CA ILE A 193 -7.67 9.46 22.30
C ILE A 193 -8.91 9.64 21.39
N ASN A 194 -8.77 10.49 20.37
CA ASN A 194 -9.89 10.70 19.43
C ASN A 194 -10.28 9.40 18.74
N SER A 195 -9.29 8.60 18.28
CA SER A 195 -9.61 7.31 17.69
C SER A 195 -10.35 6.38 18.65
N VAL A 196 -9.93 6.36 19.92
CA VAL A 196 -10.61 5.55 20.92
C VAL A 196 -12.06 6.06 21.12
N ARG A 197 -12.26 7.37 21.16
CA ARG A 197 -13.62 7.92 21.26
C ARG A 197 -14.45 7.47 20.05
N PHE A 198 -13.86 7.45 18.85
CA PHE A 198 -14.61 7.04 17.68
C PHE A 198 -14.95 5.53 17.74
N GLU A 199 -14.07 4.71 18.28
CA GLU A 199 -14.36 3.27 18.44
C GLU A 199 -15.55 3.05 19.36
N ILE A 200 -15.54 3.74 20.50
CA ILE A 200 -16.66 3.67 21.44
C ILE A 200 -17.96 4.09 20.73
N GLY A 201 -17.91 5.21 20.03
CA GLY A 201 -19.04 5.69 19.28
C GLY A 201 -19.50 4.76 18.19
N PHE A 202 -18.55 4.05 17.57
CA PHE A 202 -18.87 3.10 16.49
C PHE A 202 -19.73 1.94 17.01
N TRP A 203 -19.36 1.42 18.18
CA TRP A 203 -20.16 0.36 18.79
C TRP A 203 -21.51 0.91 19.24
N ASP A 204 -21.52 2.10 19.85
CA ASP A 204 -22.77 2.82 20.28
CA ASP A 204 -22.83 2.63 20.26
C ASP A 204 -23.75 2.93 19.09
N ALA A 205 -23.23 3.40 17.96
CA ALA A 205 -24.03 3.65 16.77
C ALA A 205 -24.62 2.37 16.18
N SER A 206 -23.90 1.25 16.35
CA SER A 206 -24.39 -0.06 15.90
C SER A 206 -25.50 -0.53 16.84
N LEU A 207 -25.31 -0.43 18.17
CA LEU A 207 -26.41 -0.84 19.10
C LEU A 207 -27.71 -0.07 18.82
N ARG A 208 -27.60 1.20 18.43
CA ARG A 208 -28.77 2.03 18.14
C ARG A 208 -29.26 1.90 16.70
N LYS A 209 -28.47 1.28 15.82
CA LYS A 209 -28.73 1.28 14.38
C LYS A 209 -28.98 2.71 13.89
N ASP A 210 -28.00 3.58 14.11
CA ASP A 210 -28.10 4.99 13.72
C ASP A 210 -28.37 5.19 12.23
N PRO A 211 -29.00 6.32 11.85
CA PRO A 211 -29.24 6.61 10.43
C PRO A 211 -27.99 6.54 9.56
N THR A 212 -28.12 5.85 8.44
CA THR A 212 -27.01 5.64 7.50
C THR A 212 -27.16 6.55 6.28
N VAL A 213 -27.14 7.83 6.56
CA VAL A 213 -27.45 8.87 5.54
C VAL A 213 -26.26 9.64 4.99
N TYR A 214 -25.05 9.43 5.54
CA TYR A 214 -23.87 10.15 5.13
C TYR A 214 -23.11 9.44 4.02
N GLY B 6 -4.09 -3.39 -26.81
CA GLY B 6 -5.23 -2.68 -26.15
C GLY B 6 -4.82 -1.23 -25.94
N ASN B 7 -5.07 -0.69 -24.75
CA ASN B 7 -4.66 0.69 -24.42
C ASN B 7 -3.16 0.91 -24.46
N VAL B 8 -2.36 -0.08 -24.03
CA VAL B 8 -0.89 0.08 -24.05
C VAL B 8 -0.41 0.16 -25.50
N GLU B 9 -1.02 -0.61 -26.40
CA GLU B 9 -0.67 -0.54 -27.84
C GLU B 9 -1.07 0.82 -28.41
N ASN B 10 -2.26 1.31 -28.02
CA ASN B 10 -2.73 2.64 -28.44
C ASN B 10 -1.76 3.74 -27.99
N LEU B 11 -1.31 3.66 -26.73
CA LEU B 11 -0.33 4.62 -26.19
C LEU B 11 1.04 4.52 -26.89
N ILE B 12 1.57 3.30 -27.01
CA ILE B 12 2.86 3.08 -27.71
C ILE B 12 2.85 3.62 -29.16
N ASN B 13 1.74 3.40 -29.89
CA ASN B 13 1.60 3.92 -31.26
CA ASN B 13 1.58 3.92 -31.26
C ASN B 13 1.64 5.45 -31.27
N GLY B 14 1.08 6.09 -30.24
CA GLY B 14 1.08 7.54 -30.13
C GLY B 14 2.41 8.24 -29.86
N VAL B 15 3.43 7.49 -29.40
CA VAL B 15 4.77 8.07 -29.12
C VAL B 15 5.71 8.04 -30.33
N GLY B 16 5.29 7.37 -31.41
CA GLY B 16 6.09 7.30 -32.63
C GLY B 16 7.45 6.66 -32.40
N GLU B 17 8.50 7.33 -32.89
CA GLU B 17 9.88 6.81 -32.81
C GLU B 17 10.49 6.77 -31.40
N LEU B 18 9.89 7.46 -30.43
CA LEU B 18 10.39 7.45 -29.04
C LEU B 18 10.43 6.06 -28.41
N TRP B 19 9.47 5.19 -28.75
CA TRP B 19 9.39 3.86 -28.12
C TRP B 19 10.63 3.01 -28.39
N ASN B 20 11.03 2.91 -29.66
CA ASN B 20 12.28 2.20 -30.00
C ASN B 20 13.52 2.88 -29.44
N LYS B 21 13.52 4.22 -29.41
CA LYS B 21 14.63 4.96 -28.76
C LYS B 21 14.78 4.55 -27.28
N TYR B 22 13.66 4.15 -26.65
CA TYR B 22 13.65 3.66 -25.28
C TYR B 22 14.01 2.17 -25.19
N VAL B 23 13.19 1.29 -25.76
CA VAL B 23 13.37 -0.15 -25.60
C VAL B 23 14.54 -0.77 -26.38
N LYS B 24 15.04 -0.03 -27.38
CA LYS B 24 16.21 -0.47 -28.16
C LYS B 24 17.33 0.56 -27.96
N HIS B 25 17.44 1.13 -26.75
CA HIS B 25 18.44 2.16 -26.43
C HIS B 25 19.86 1.53 -26.46
N GLU B 26 20.86 2.34 -26.81
CA GLU B 26 22.30 1.93 -26.83
C GLU B 26 22.67 1.13 -25.56
N PHE B 27 22.29 1.66 -24.39
CA PHE B 27 22.53 1.01 -23.08
C PHE B 27 22.10 -0.47 -23.07
N ILE B 28 20.90 -0.72 -23.60
CA ILE B 28 20.28 -2.04 -23.64
C ILE B 28 20.98 -2.92 -24.67
N LEU B 29 21.24 -2.35 -25.85
CA LEU B 29 21.98 -3.04 -26.92
C LEU B 29 23.33 -3.50 -26.39
N LYS B 30 24.03 -2.64 -25.65
CA LYS B 30 25.31 -2.99 -25.01
C LYS B 30 25.18 -4.05 -23.91
N MSE B 31 24.08 -4.03 -23.12
CA MSE B 31 23.85 -5.14 -22.16
C MSE B 31 23.65 -6.47 -22.91
O MSE B 31 24.18 -7.51 -22.48
CB MSE B 31 22.62 -4.89 -21.25
CG MSE B 31 22.89 -3.95 -20.10
SE MSE B 31 21.41 -3.96 -18.80
CE MSE B 31 20.01 -3.32 -20.01
N ARG B 32 22.91 -6.43 -24.02
CA ARG B 32 22.62 -7.61 -24.83
C ARG B 32 23.90 -8.22 -25.43
N ASP B 33 24.71 -7.38 -26.07
CA ASP B 33 25.98 -7.86 -26.68
C ASP B 33 27.14 -8.08 -25.68
N GLY B 34 26.97 -7.64 -24.42
CA GLY B 34 27.99 -7.78 -23.37
C GLY B 34 29.06 -6.71 -23.26
N SER B 35 29.01 -5.70 -24.13
CA SER B 35 29.99 -4.63 -24.16
C SER B 35 29.76 -3.46 -23.23
N LEU B 36 28.66 -3.45 -22.46
CA LEU B 36 28.43 -2.35 -21.52
C LEU B 36 29.45 -2.46 -20.37
N PRO B 37 30.25 -1.40 -20.13
CA PRO B 37 31.19 -1.43 -19.00
C PRO B 37 30.51 -1.60 -17.65
N LEU B 38 31.13 -2.41 -16.77
CA LEU B 38 30.55 -2.71 -15.45
C LEU B 38 30.35 -1.47 -14.57
N ASP B 39 31.24 -0.49 -14.69
CA ASP B 39 31.09 0.77 -13.94
C ASP B 39 29.85 1.56 -14.39
N ILE B 40 29.48 1.48 -15.68
CA ILE B 40 28.28 2.16 -16.21
C ILE B 40 27.03 1.46 -15.67
N PHE B 41 27.06 0.13 -15.62
CA PHE B 41 25.95 -0.65 -15.06
C PHE B 41 25.77 -0.43 -13.56
N ARG B 42 26.87 -0.42 -12.80
CA ARG B 42 26.82 -0.15 -11.36
C ARG B 42 26.23 1.26 -11.08
N TYR B 43 26.70 2.26 -11.84
CA TYR B 43 26.17 3.63 -11.76
C TYR B 43 24.65 3.60 -11.94
N TYR B 44 24.23 2.96 -13.03
CA TYR B 44 22.80 2.77 -13.34
C TYR B 44 22.02 2.10 -12.19
N LEU B 45 22.53 0.98 -11.67
CA LEU B 45 21.88 0.26 -10.56
C LEU B 45 21.67 1.11 -9.31
N ILE B 46 22.63 1.97 -9.01
CA ILE B 46 22.52 2.88 -7.87
C ILE B 46 21.38 3.87 -8.11
N GLN B 47 21.33 4.47 -9.30
CA GLN B 47 20.25 5.41 -9.65
C GLN B 47 18.90 4.70 -9.64
N ASP B 48 18.84 3.51 -10.24
CA ASP B 48 17.63 2.67 -10.22
C ASP B 48 17.16 2.34 -8.80
N GLY B 49 18.11 2.09 -7.90
CA GLY B 49 17.82 1.83 -6.49
C GLY B 49 17.11 2.99 -5.79
N LYS B 50 17.49 4.22 -6.17
CA LYS B 50 16.84 5.42 -5.65
C LYS B 50 15.47 5.59 -6.30
N TYR B 51 15.42 5.43 -7.62
CA TYR B 51 14.18 5.54 -8.39
C TYR B 51 13.07 4.60 -7.91
N VAL B 52 13.40 3.32 -7.75
CA VAL B 52 12.41 2.30 -7.38
CA VAL B 52 12.40 2.29 -7.37
C VAL B 52 11.71 2.62 -6.05
N GLU B 53 12.45 3.13 -5.07
CA GLU B 53 11.85 3.49 -3.79
C GLU B 53 10.83 4.63 -3.99
N ASP B 54 11.22 5.66 -4.76
CA ASP B 54 10.29 6.77 -5.06
C ASP B 54 9.09 6.33 -5.89
N MSE B 55 9.32 5.44 -6.85
CA MSE B 55 8.26 4.85 -7.66
C MSE B 55 7.24 4.10 -6.78
O MSE B 55 6.02 4.25 -6.98
CB MSE B 55 8.88 3.88 -8.70
CG MSE B 55 7.88 3.26 -9.64
SE MSE B 55 8.62 1.60 -10.37
CE MSE B 55 8.17 0.52 -8.80
N LEU B 56 7.74 3.35 -5.81
CA LEU B 56 6.87 2.63 -4.87
C LEU B 56 6.06 3.57 -4.00
N ARG B 57 6.68 4.64 -3.50
CA ARG B 57 5.95 5.63 -2.69
C ARG B 57 4.86 6.31 -3.51
N ALA B 58 5.20 6.68 -4.76
CA ALA B 58 4.21 7.29 -5.67
C ALA B 58 3.04 6.31 -5.94
N LEU B 59 3.36 5.03 -6.18
CA LEU B 59 2.31 4.00 -6.35
C LEU B 59 1.39 3.94 -5.16
N LEU B 60 1.96 4.00 -3.95
CA LEU B 60 1.15 3.94 -2.72
C LEU B 60 0.15 5.10 -2.67
N ILE B 61 0.64 6.33 -2.90
CA ILE B 61 -0.24 7.51 -2.91
C ILE B 61 -1.31 7.39 -3.98
N ALA B 62 -0.90 7.01 -5.19
CA ALA B 62 -1.85 6.92 -6.29
C ALA B 62 -2.92 5.86 -6.07
N SER B 63 -2.48 4.69 -5.57
CA SER B 63 -3.39 3.57 -5.41
CA SER B 63 -3.37 3.54 -5.31
C SER B 63 -4.54 3.89 -4.43
N SER B 64 -4.33 4.81 -3.50
CA SER B 64 -5.37 5.22 -2.61
C SER B 64 -6.59 5.84 -3.31
N LYS B 65 -6.39 6.27 -4.56
CA LYS B 65 -7.41 6.90 -5.37
C LYS B 65 -8.01 6.01 -6.46
N GLY B 66 -7.55 4.77 -6.58
CA GLY B 66 -7.98 3.89 -7.69
C GLY B 66 -9.12 2.94 -7.36
N PRO B 67 -9.60 2.20 -8.39
CA PRO B 67 -10.67 1.22 -8.17
C PRO B 67 -10.16 0.12 -7.27
N ILE B 68 -10.94 -0.21 -6.24
CA ILE B 68 -10.44 -1.09 -5.18
C ILE B 68 -9.97 -2.47 -5.68
N ASP B 69 -10.70 -3.02 -6.63
CA ASP B 69 -10.36 -4.34 -7.17
C ASP B 69 -9.07 -4.30 -7.93
N LYS B 70 -8.90 -3.28 -8.77
CA LYS B 70 -7.73 -3.17 -9.62
C LYS B 70 -6.48 -2.89 -8.80
N VAL B 71 -6.61 -1.97 -7.84
CA VAL B 71 -5.42 -1.60 -7.06
CA VAL B 71 -5.46 -1.58 -7.02
C VAL B 71 -5.01 -2.73 -6.12
N THR B 72 -5.98 -3.45 -5.55
CA THR B 72 -5.68 -4.57 -4.65
C THR B 72 -4.91 -5.70 -5.37
N LYS B 73 -5.29 -5.98 -6.61
CA LYS B 73 -4.62 -7.00 -7.43
C LYS B 73 -3.16 -6.60 -7.69
N ILE B 74 -2.93 -5.34 -8.03
CA ILE B 74 -1.59 -4.82 -8.27
C ILE B 74 -0.76 -4.86 -6.99
N LEU B 75 -1.31 -4.34 -5.89
CA LEU B 75 -0.55 -4.27 -4.62
C LEU B 75 -0.20 -5.66 -4.07
N ASN B 76 -1.10 -6.64 -4.24
CA ASN B 76 -0.83 -8.01 -3.82
CA ASN B 76 -0.85 -8.04 -3.84
C ASN B 76 0.42 -8.58 -4.51
N LEU B 77 0.63 -8.22 -5.77
CA LEU B 77 1.79 -8.70 -6.53
C LEU B 77 3.05 -7.90 -6.27
N VAL B 78 2.91 -6.59 -6.08
CA VAL B 78 4.04 -5.71 -5.82
C VAL B 78 4.61 -5.95 -4.42
N PHE B 79 3.74 -6.04 -3.41
CA PHE B 79 4.16 -6.32 -2.01
C PHE B 79 4.16 -7.83 -1.64
N SER B 80 4.39 -8.70 -2.63
CA SER B 80 4.47 -10.16 -2.44
C SER B 80 5.87 -10.56 -1.95
N SER B 81 6.03 -11.85 -1.63
CA SER B 81 7.31 -12.43 -1.18
C SER B 81 7.44 -13.91 -1.56
N GLU B 87 15.39 -11.15 -4.49
CA GLU B 87 16.52 -12.06 -4.52
C GLU B 87 17.55 -11.66 -5.60
N THR B 88 17.07 -11.45 -6.82
CA THR B 88 17.89 -11.08 -8.00
C THR B 88 18.78 -9.87 -7.74
N HIS B 89 18.17 -8.79 -7.24
CA HIS B 89 18.89 -7.55 -6.94
C HIS B 89 19.88 -7.68 -5.77
N GLY B 90 19.56 -8.50 -4.76
CA GLY B 90 20.47 -8.77 -3.62
C GLY B 90 21.80 -9.40 -4.06
N LYS B 91 21.71 -10.34 -5.01
CA LYS B 91 22.88 -11.00 -5.59
C LYS B 91 23.73 -10.01 -6.41
N LEU B 92 23.07 -9.24 -7.29
CA LEU B 92 23.72 -8.20 -8.11
C LEU B 92 24.37 -7.12 -7.25
N TYR B 93 23.64 -6.67 -6.22
CA TYR B 93 24.11 -5.59 -5.32
C TYR B 93 25.39 -5.96 -4.57
N SER B 94 25.42 -7.17 -4.02
CA SER B 94 26.60 -7.69 -3.31
C SER B 94 27.78 -7.86 -4.28
N LYS B 95 27.51 -8.48 -5.44
CA LYS B 95 28.52 -8.69 -6.50
C LYS B 95 29.13 -7.39 -7.01
N LEU B 96 28.31 -6.35 -7.17
CA LEU B 96 28.75 -5.02 -7.63
C LEU B 96 29.12 -4.05 -6.48
N ASP B 97 29.21 -4.54 -5.24
CA ASP B 97 29.57 -3.73 -4.05
C ASP B 97 28.63 -2.54 -3.78
N ILE B 98 27.34 -2.71 -4.06
CA ILE B 98 26.30 -1.70 -3.84
C ILE B 98 25.56 -2.04 -2.54
N SER B 99 25.73 -1.21 -1.51
CA SER B 99 25.06 -1.38 -0.22
C SER B 99 23.85 -0.44 -0.13
N ARG B 100 23.09 -0.60 0.95
CA ARG B 100 21.96 0.31 1.23
C ARG B 100 22.47 1.74 1.40
N ASP B 101 23.54 1.87 2.19
CA ASP B 101 24.19 3.16 2.44
C ASP B 101 24.67 3.83 1.15
N VAL B 102 25.17 3.04 0.20
CA VAL B 102 25.62 3.58 -1.12
C VAL B 102 24.43 4.23 -1.86
N ILE B 103 23.30 3.52 -1.89
CA ILE B 103 22.07 4.01 -2.57
C ILE B 103 21.56 5.27 -1.91
N VAL B 104 21.47 5.25 -0.58
CA VAL B 104 20.99 6.39 0.19
C VAL B 104 21.91 7.61 0.09
N LYS B 105 23.21 7.39 0.24
CA LYS B 105 24.19 8.49 0.24
C LYS B 105 24.51 9.06 -1.13
N THR B 106 24.37 8.28 -2.20
CA THR B 106 24.58 8.79 -3.57
C THR B 106 23.42 9.71 -3.88
N GLY B 107 23.68 10.84 -4.52
CA GLY B 107 22.63 11.74 -4.94
C GLY B 107 21.95 11.26 -6.22
N TYR B 108 20.84 11.92 -6.54
CA TYR B 108 20.18 11.67 -7.81
C TYR B 108 20.92 12.43 -8.91
N ASN B 109 20.96 11.86 -10.11
CA ASN B 109 21.31 12.66 -11.28
C ASN B 109 20.06 13.48 -11.62
N LEU B 110 20.21 14.49 -12.47
CA LEU B 110 19.11 15.42 -12.78
C LEU B 110 17.89 14.73 -13.40
N ILE B 111 18.10 13.84 -14.37
CA ILE B 111 17.00 13.11 -15.05
CA ILE B 111 16.95 13.19 -15.01
C ILE B 111 16.21 12.26 -14.02
N ASN B 112 16.95 11.55 -13.15
CA ASN B 112 16.32 10.68 -12.11
C ASN B 112 15.53 11.54 -11.14
N TYR B 113 16.10 12.66 -10.69
CA TYR B 113 15.39 13.55 -9.81
C TYR B 113 14.08 14.06 -10.46
N ALA B 114 14.16 14.47 -11.72
CA ALA B 114 13.01 14.96 -12.49
C ALA B 114 11.94 13.88 -12.69
N TYR B 115 12.39 12.69 -13.05
CA TYR B 115 11.49 11.56 -13.33
C TYR B 115 10.72 11.15 -12.05
N THR B 116 11.45 11.01 -10.94
CA THR B 116 10.79 10.67 -9.68
C THR B 116 9.79 11.76 -9.29
N ARG B 117 10.13 13.04 -9.46
CA ARG B 117 9.19 14.11 -9.14
CA ARG B 117 9.22 14.15 -9.17
C ARG B 117 7.97 14.15 -10.05
N HIS B 118 8.14 13.71 -11.28
CA HIS B 118 7.04 13.56 -12.27
C HIS B 118 6.03 12.51 -11.76
N LEU B 119 6.54 11.36 -11.32
CA LEU B 119 5.67 10.31 -10.75
C LEU B 119 4.92 10.79 -9.51
N TYR B 120 5.62 11.49 -8.62
CA TYR B 120 4.95 12.02 -7.43
C TYR B 120 3.86 13.04 -7.78
N TYR B 121 4.12 13.88 -8.79
CA TYR B 121 3.16 14.93 -9.18
C TYR B 121 1.80 14.31 -9.57
N TYR B 122 1.86 13.31 -10.45
CA TYR B 122 0.64 12.66 -10.90
C TYR B 122 0.02 11.78 -9.80
N ALA B 123 0.85 11.10 -9.01
CA ALA B 123 0.31 10.28 -7.88
C ALA B 123 -0.51 11.11 -6.91
N ASN B 124 -0.07 12.34 -6.67
CA ASN B 124 -0.77 13.27 -5.79
C ASN B 124 -2.06 13.86 -6.37
N LEU B 125 -2.30 13.68 -7.66
CA LEU B 125 -3.49 14.18 -8.32
C LEU B 125 -4.55 13.16 -8.67
N ASP B 126 -4.15 12.04 -9.28
CA ASP B 126 -5.13 11.15 -9.92
C ASP B 126 -4.57 9.76 -10.21
N TRP B 127 -5.34 8.71 -9.92
CA TRP B 127 -4.90 7.35 -10.23
C TRP B 127 -4.64 7.13 -11.72
N ASN B 128 -5.60 7.53 -12.58
CA ASN B 128 -5.43 7.28 -14.02
C ASN B 128 -4.18 7.96 -14.61
N LYS B 129 -3.91 9.18 -14.15
CA LYS B 129 -2.72 9.91 -14.62
C LYS B 129 -1.44 9.24 -14.15
N PHE B 130 -1.38 8.83 -12.88
CA PHE B 130 -0.22 8.08 -12.39
C PHE B 130 -0.03 6.78 -13.16
N LEU B 131 -1.12 6.06 -13.35
CA LEU B 131 -1.09 4.75 -14.00
C LEU B 131 -0.51 4.86 -15.42
N VAL B 132 -0.96 5.87 -16.17
CA VAL B 132 -0.41 6.12 -17.51
C VAL B 132 1.08 6.56 -17.40
N ALA B 133 1.41 7.41 -16.42
CA ALA B 133 2.82 7.83 -16.19
C ALA B 133 3.77 6.67 -15.82
N TRP B 134 3.24 5.67 -15.14
CA TRP B 134 3.98 4.51 -14.62
C TRP B 134 4.16 3.36 -15.62
N THR B 135 3.29 3.32 -16.63
CA THR B 135 3.27 2.21 -17.58
C THR B 135 4.56 2.05 -18.39
N PRO B 136 5.14 3.14 -18.93
CA PRO B 136 6.38 2.92 -19.70
C PRO B 136 7.50 2.17 -18.94
N CYS B 137 7.76 2.54 -17.68
CA CYS B 137 8.81 1.87 -16.89
CA CYS B 137 8.76 1.89 -16.84
C CYS B 137 8.48 0.41 -16.64
N MSE B 138 7.23 0.11 -16.26
CA MSE B 138 6.81 -1.26 -15.97
C MSE B 138 6.76 -2.13 -17.23
O MSE B 138 7.41 -3.18 -17.26
CB MSE B 138 5.47 -1.30 -15.23
CG MSE B 138 5.50 -0.59 -13.88
SE MSE B 138 6.83 -1.27 -12.62
CE MSE B 138 6.12 -3.00 -12.30
N PHE B 139 6.00 -1.69 -18.22
CA PHE B 139 5.81 -2.45 -19.46
C PHE B 139 7.08 -2.50 -20.30
N GLY B 140 7.76 -1.37 -20.45
CA GLY B 140 9.03 -1.32 -21.18
C GLY B 140 10.08 -2.27 -20.62
N TYR B 141 10.21 -2.35 -19.29
CA TYR B 141 11.18 -3.27 -18.65
C TYR B 141 10.85 -4.74 -18.90
N SER B 142 9.57 -5.06 -19.08
CA SER B 142 9.15 -6.42 -19.44
C SER B 142 9.76 -6.80 -20.80
N ILE B 143 9.66 -5.88 -21.76
CA ILE B 143 10.19 -6.04 -23.13
C ILE B 143 11.72 -6.11 -23.13
N VAL B 144 12.34 -5.17 -22.43
CA VAL B 144 13.82 -5.11 -22.30
C VAL B 144 14.39 -6.39 -21.66
N GLY B 145 13.73 -6.87 -20.60
CA GLY B 145 14.09 -8.12 -19.91
C GLY B 145 14.13 -9.34 -20.84
N ASP B 146 13.08 -9.49 -21.65
CA ASP B 146 12.97 -10.57 -22.65
C ASP B 146 14.12 -10.53 -23.66
N TYR B 147 14.52 -9.32 -24.05
CA TYR B 147 15.63 -9.10 -24.99
C TYR B 147 17.01 -9.35 -24.35
N VAL B 148 17.27 -8.75 -23.19
CA VAL B 148 18.57 -8.84 -22.48
C VAL B 148 18.86 -10.22 -21.82
N ILE B 149 17.84 -11.06 -21.62
CA ILE B 149 18.03 -12.38 -20.98
C ILE B 149 19.01 -13.31 -21.76
N ASP B 150 19.15 -13.06 -23.07
CA ASP B 150 20.09 -13.81 -23.96
C ASP B 150 21.52 -13.21 -24.01
N SER B 151 21.87 -12.35 -23.03
CA SER B 151 23.20 -11.75 -22.96
C SER B 151 24.26 -12.81 -22.58
N PRO B 152 25.48 -12.72 -23.16
CA PRO B 152 26.55 -13.65 -22.74
C PRO B 152 27.17 -13.27 -21.38
N ASN B 153 26.92 -12.04 -20.91
CA ASN B 153 27.44 -11.55 -19.62
C ASN B 153 26.49 -12.05 -18.53
N GLU B 154 27.05 -12.73 -17.52
CA GLU B 154 26.27 -13.34 -16.41
C GLU B 154 25.51 -12.31 -15.55
N VAL B 155 26.15 -11.19 -15.25
CA VAL B 155 25.53 -10.12 -14.48
C VAL B 155 24.28 -9.61 -15.21
N TYR B 156 24.42 -9.33 -16.50
CA TYR B 156 23.31 -8.79 -17.31
C TYR B 156 22.17 -9.78 -17.55
N LYS B 157 22.50 -11.09 -17.62
CA LYS B 157 21.47 -12.15 -17.70
C LYS B 157 20.70 -12.24 -16.37
N THR B 158 21.42 -12.15 -15.23
CA THR B 158 20.80 -12.16 -13.88
C THR B 158 19.83 -10.99 -13.69
N TRP B 159 20.30 -9.79 -14.05
CA TRP B 159 19.47 -8.56 -14.02
C TRP B 159 18.19 -8.77 -14.83
N ALA B 160 18.35 -9.18 -16.09
CA ALA B 160 17.23 -9.41 -17.02
C ALA B 160 16.25 -10.49 -16.55
N SER B 161 16.76 -11.49 -15.82
CA SER B 161 15.93 -12.62 -15.36
C SER B 161 14.77 -12.20 -14.49
N PHE B 162 14.97 -11.16 -13.67
CA PHE B 162 13.88 -10.63 -12.84
C PHE B 162 12.72 -10.14 -13.72
N TYR B 163 13.05 -9.37 -14.75
CA TYR B 163 12.04 -8.77 -15.66
C TYR B 163 11.46 -9.75 -16.68
N ALA B 164 12.20 -10.83 -17.01
CA ALA B 164 11.71 -11.91 -17.90
C ALA B 164 10.90 -12.99 -17.17
N SER B 165 10.91 -13.00 -15.82
CA SER B 165 10.22 -14.01 -15.01
C SER B 165 8.70 -13.97 -15.11
N THR B 166 8.07 -15.11 -14.82
CA THR B 166 6.61 -15.23 -14.86
CA THR B 166 6.60 -15.24 -14.85
C THR B 166 5.96 -14.30 -13.83
N GLU B 167 6.59 -14.20 -12.64
CA GLU B 167 6.13 -13.31 -11.57
C GLU B 167 6.04 -11.87 -12.06
N TYR B 168 7.06 -11.42 -12.80
CA TYR B 168 7.05 -10.04 -13.34
C TYR B 168 5.94 -9.89 -14.40
N LYS B 169 5.76 -10.89 -15.27
CA LYS B 169 4.68 -10.84 -16.25
C LYS B 169 3.29 -10.78 -15.61
N LYS B 170 3.12 -11.47 -14.48
CA LYS B 170 1.86 -11.41 -13.72
C LYS B 170 1.60 -9.97 -13.21
N ARG B 171 2.65 -9.29 -12.75
CA ARG B 171 2.54 -7.87 -12.32
C ARG B 171 2.08 -7.02 -13.49
N ILE B 172 2.73 -7.20 -14.64
CA ILE B 172 2.35 -6.46 -15.85
C ILE B 172 0.89 -6.74 -16.24
N GLU B 173 0.45 -8.01 -16.18
CA GLU B 173 -0.94 -8.35 -16.49
C GLU B 173 -1.93 -7.55 -15.62
N ALA B 174 -1.64 -7.47 -14.32
CA ALA B 174 -2.47 -6.71 -13.37
C ALA B 174 -2.50 -5.21 -13.71
N ILE B 175 -1.36 -4.66 -14.11
CA ILE B 175 -1.26 -3.24 -14.49
C ILE B 175 -2.09 -2.96 -15.75
N LEU B 176 -1.96 -3.82 -16.77
CA LEU B 176 -2.72 -3.65 -18.01
C LEU B 176 -4.21 -3.81 -17.84
N TYR B 177 -4.62 -4.70 -16.92
CA TYR B 177 -6.01 -4.88 -16.57
C TYR B 177 -6.57 -3.56 -16.00
N ALA B 178 -5.79 -2.88 -15.15
CA ALA B 178 -6.20 -1.58 -14.63
C ALA B 178 -6.19 -0.51 -15.73
N LEU B 179 -5.16 -0.53 -16.57
CA LEU B 179 -5.01 0.45 -17.67
C LEU B 179 -6.15 0.37 -18.70
N ASP B 180 -6.65 -0.84 -18.95
CA ASP B 180 -7.76 -1.03 -19.90
C ASP B 180 -9.11 -0.42 -19.49
N GLU B 181 -9.27 -0.04 -18.22
CA GLU B 181 -10.45 0.69 -17.75
C GLU B 181 -10.41 2.19 -18.10
N VAL B 182 -9.23 2.70 -18.48
CA VAL B 182 -9.05 4.13 -18.72
C VAL B 182 -9.37 4.53 -20.15
N SER B 183 -10.11 5.62 -20.31
CA SER B 183 -10.39 6.19 -21.64
C SER B 183 -9.17 7.08 -21.95
N ILE B 184 -8.35 6.67 -22.92
CA ILE B 184 -7.13 7.41 -23.27
C ILE B 184 -7.47 8.69 -24.03
N THR B 185 -6.94 9.80 -23.55
CA THR B 185 -7.12 11.14 -24.10
C THR B 185 -5.76 11.69 -24.51
N GLU B 186 -5.77 12.84 -25.19
CA GLU B 186 -4.53 13.51 -25.59
C GLU B 186 -3.68 13.87 -24.37
N ASP B 187 -4.33 14.37 -23.31
CA ASP B 187 -3.61 14.70 -22.06
C ASP B 187 -2.89 13.48 -21.47
N LEU B 188 -3.56 12.32 -21.47
CA LEU B 188 -2.95 11.08 -20.96
C LEU B 188 -1.80 10.60 -21.86
N LEU B 189 -1.97 10.71 -23.19
CA LEU B 189 -0.88 10.37 -24.10
C LEU B 189 0.34 11.22 -23.81
N ASN B 190 0.14 12.52 -23.60
CA ASN B 190 1.24 13.45 -23.30
C ASN B 190 2.02 13.09 -22.03
N ILE B 191 1.32 12.60 -21.00
CA ILE B 191 1.97 12.12 -19.78
C ILE B 191 2.84 10.88 -20.10
N PHE B 192 2.28 9.97 -20.89
CA PHE B 192 2.96 8.74 -21.29
C PHE B 192 4.23 9.10 -22.10
N ILE B 193 4.09 10.08 -23.00
CA ILE B 193 5.23 10.57 -23.82
C ILE B 193 6.34 11.10 -22.92
N ASN B 194 5.99 11.92 -21.91
CA ASN B 194 7.00 12.43 -20.97
C ASN B 194 7.73 11.31 -20.22
N SER B 195 7.01 10.28 -19.75
CA SER B 195 7.68 9.14 -19.08
C SER B 195 8.67 8.42 -20.00
N VAL B 196 8.27 8.21 -21.25
CA VAL B 196 9.16 7.60 -22.27
C VAL B 196 10.41 8.50 -22.50
N ARG B 197 10.21 9.81 -22.61
CA ARG B 197 11.34 10.75 -22.73
C ARG B 197 12.28 10.64 -21.51
N PHE B 198 11.73 10.49 -20.29
CA PHE B 198 12.56 10.32 -19.10
C PHE B 198 13.33 9.00 -19.09
N GLU B 199 12.72 7.92 -19.61
CA GLU B 199 13.38 6.62 -19.70
C GLU B 199 14.60 6.70 -20.61
N ILE B 200 14.42 7.33 -21.78
CA ILE B 200 15.51 7.54 -22.77
C ILE B 200 16.62 8.34 -22.08
N GLY B 201 16.25 9.42 -21.40
CA GLY B 201 17.19 10.23 -20.65
C GLY B 201 17.89 9.48 -19.52
N PHE B 202 17.17 8.55 -18.88
CA PHE B 202 17.72 7.77 -17.76
C PHE B 202 18.92 6.93 -18.24
N TRP B 203 18.74 6.29 -19.39
CA TRP B 203 19.79 5.49 -20.04
CA TRP B 203 19.85 5.50 -19.93
C TRP B 203 20.96 6.38 -20.50
N ASP B 204 20.63 7.53 -21.11
CA ASP B 204 21.64 8.51 -21.59
C ASP B 204 22.52 8.97 -20.42
N ALA B 205 21.89 9.34 -19.30
CA ALA B 205 22.60 9.80 -18.08
C ALA B 205 23.54 8.76 -17.49
N SER B 206 23.14 7.49 -17.57
CA SER B 206 23.95 6.37 -17.11
C SER B 206 25.20 6.17 -18.00
N LEU B 207 25.00 6.19 -19.33
CA LEU B 207 26.12 6.11 -20.29
C LEU B 207 27.13 7.26 -20.11
N ARG B 208 26.63 8.47 -19.83
CA ARG B 208 27.51 9.62 -19.56
C ARG B 208 27.98 9.68 -18.09
N LYS B 209 27.38 8.87 -17.20
CA LYS B 209 27.61 8.93 -15.74
C LYS B 209 27.48 10.35 -15.22
N ASP B 210 26.29 10.93 -15.43
CA ASP B 210 26.03 12.32 -15.02
C ASP B 210 26.25 12.61 -13.53
N PRO B 211 26.52 13.90 -13.19
CA PRO B 211 26.69 14.30 -11.80
C PRO B 211 25.48 13.92 -10.93
N THR B 212 25.77 13.26 -9.81
CA THR B 212 24.76 12.77 -8.85
C THR B 212 24.71 13.72 -7.67
N VAL B 213 24.31 14.96 -7.96
CA VAL B 213 24.32 16.05 -7.00
C VAL B 213 22.96 16.50 -6.47
N TYR B 214 21.88 15.93 -6.99
CA TYR B 214 20.51 16.29 -6.62
C TYR B 214 19.96 15.47 -5.46
N1 IMD C . -13.09 0.06 13.87
C2 IMD C . -12.95 -1.07 13.21
N3 IMD C . -14.01 -1.20 12.43
C4 IMD C . -14.79 -0.13 12.57
C5 IMD C . -14.20 0.69 13.50
C1 GOL D . -8.90 -4.57 12.06
O1 GOL D . -8.49 -5.27 10.93
C2 GOL D . -9.80 -3.42 11.70
O2 GOL D . -10.28 -3.05 12.96
C3 GOL D . -10.87 -3.60 10.60
O3 GOL D . -12.16 -3.88 11.09
C1 GOL E . -2.16 18.10 13.39
O1 GOL E . -3.16 18.95 12.70
C2 GOL E . -2.26 17.90 14.93
O2 GOL E . -1.21 17.15 15.50
C3 GOL E . -3.55 17.33 15.49
O3 GOL E . -4.58 17.74 14.63
C1 GOL F . -3.37 -9.49 21.97
O1 GOL F . -3.26 -10.74 21.31
C2 GOL F . -2.01 -8.79 22.01
O2 GOL F . -1.87 -8.08 23.23
C3 GOL F . -1.83 -7.84 20.81
O3 GOL F . -1.62 -8.49 19.56
C1 GOL G . -19.39 -10.35 -3.63
O1 GOL G . -19.17 -9.77 -4.90
C2 GOL G . -20.86 -10.33 -3.23
O2 GOL G . -21.55 -9.33 -3.94
C3 GOL G . -21.54 -11.69 -3.46
O3 GOL G . -22.92 -11.63 -3.13
C1 GOL H . -25.58 -8.44 28.74
O1 GOL H . -25.69 -9.45 27.77
C2 GOL H . -24.14 -7.96 28.78
O2 GOL H . -24.13 -6.67 29.34
C3 GOL H . -23.22 -8.93 29.56
O3 GOL H . -22.53 -8.31 30.65
N1 IMD I . 13.96 2.18 -13.70
C2 IMD I . 13.11 2.63 -14.66
N3 IMD I . 13.43 3.88 -14.94
C4 IMD I . 14.45 4.22 -14.16
C5 IMD I . 14.82 3.16 -13.39
C1 GOL J . 11.56 -2.25 -11.16
O1 GOL J . 10.40 -2.82 -11.71
C2 GOL J . 12.32 -1.42 -12.18
O2 GOL J . 13.37 -0.68 -11.58
C3 GOL J . 11.42 -0.46 -12.91
O3 GOL J . 10.50 -1.14 -13.73
C1 GOL K . -2.99 16.36 -16.81
O1 GOL K . -2.75 16.86 -15.51
C2 GOL K . -2.38 17.28 -17.83
O2 GOL K . -2.96 18.57 -17.69
C3 GOL K . -0.86 17.28 -17.66
O3 GOL K . -0.44 17.81 -16.42
#